data_8B0P
#
_entry.id   8B0P
#
_cell.length_a   1.00
_cell.length_b   1.00
_cell.length_c   1.00
_cell.angle_alpha   90.00
_cell.angle_beta   90.00
_cell.angle_gamma   90.00
#
_symmetry.space_group_name_H-M   'P 1'
#
loop_
_entity.id
_entity.type
_entity.pdbx_description
1 polymer 'Apolipoprotein N-acyltransferase'
2 polymer Pam3-SKKKK
3 non-polymer '[(2~{S})-3-[(2~{S})-3-azanyl-2-(hexadecanoylamino)-3-oxidanylidene-propyl]sulfanyl-2-hexadecanoyloxy-propyl] hexadecanoate'
#
loop_
_entity_poly.entity_id
_entity_poly.type
_entity_poly.pdbx_seq_one_letter_code
_entity_poly.pdbx_strand_id
1 'polypeptide(L)'
;MGSSHHHHHHSSGLVPRGSHMAFASLIERQRIRLLLALLFGACGTLAFSPYDVWPAAIISLMGLQALTFNRRPLQSAAIG
FCWGFGLFGSGINWVYVSIATFGGMPGPVNIFLVVLLAAYLSLYTGLFAGVLSRLWPKTTWLRVAIAAPALWQVTEFLRG
WVLTGFPWLQFGYSQIDGPLKGLAPIMGVEAINFLLMMVSGLLALALVKRNWRPLVVAVVLFALPFPLRYIQWFTPQPEK
TIQVSMVQGDIPQSLKWDEGQLLNTLKIYYNATAPLMGKSSLIIWPESAITDLEINQQPFLKALDGELRDKGSSLVTGIV
DARLNKQNRYDTYNTIITLGKGAPYSYESADRYNKNHLVPFGEFVPLESILRPLAPFFDLPMSSFSRGPYIQPPLSANGI
ELTAAIAYEIILGEQVRDNFRPDTDYLLTISNDAWFGKSIGPWQHFQMARMRALELARPLLRSTNNGITAVIGPQGEIQA
MIPQFTREVLTTNVTPTTGLTPYARTGNWPLWVLTALFGFAAVLMSLRQRRK
;
A
2 'polypeptide(L)' SKKKK B
#
loop_
_chem_comp.id
_chem_comp.type
_chem_comp.name
_chem_comp.formula
IG7 non-polymer '[(2~{S})-3-[(2~{S})-3-azanyl-2-(hexadecanoylamino)-3-oxidanylidene-propyl]sulfanyl-2-hexadecanoyloxy-propyl] hexadecanoate' 'C54 H104 N2 O6 S'
#
# COMPACT_ATOMS: atom_id res chain seq x y z
N ALA A 24 28.56 -28.46 -5.23
CA ALA A 24 28.87 -29.24 -6.42
C ALA A 24 27.82 -30.33 -6.64
N SER A 25 27.79 -31.31 -5.74
CA SER A 25 26.81 -32.39 -5.82
C SER A 25 25.48 -31.92 -5.26
N LEU A 26 24.40 -32.29 -5.94
CA LEU A 26 23.02 -31.98 -5.54
C LEU A 26 22.76 -30.49 -5.48
N ILE A 27 23.58 -29.67 -6.12
CA ILE A 27 23.27 -28.27 -6.33
C ILE A 27 22.97 -27.98 -7.80
N GLU A 28 23.56 -28.74 -8.73
CA GLU A 28 23.12 -28.70 -10.12
C GLU A 28 21.71 -29.26 -10.26
N ARG A 29 21.31 -30.15 -9.35
CA ARG A 29 19.96 -30.69 -9.38
C ARG A 29 18.94 -29.60 -9.11
N GLN A 30 17.80 -29.68 -9.80
CA GLN A 30 16.78 -28.66 -9.65
C GLN A 30 16.00 -28.81 -8.34
N ARG A 31 15.84 -30.06 -7.86
CA ARG A 31 15.05 -30.28 -6.65
C ARG A 31 15.58 -29.46 -5.48
N ILE A 32 16.88 -29.56 -5.22
CA ILE A 32 17.49 -28.75 -4.17
C ILE A 32 17.42 -27.28 -4.53
N ARG A 33 17.71 -26.94 -5.80
CA ARG A 33 17.64 -25.56 -6.23
C ARG A 33 16.22 -25.02 -6.18
N LEU A 34 15.22 -25.90 -6.37
CA LEU A 34 13.83 -25.49 -6.23
C LEU A 34 13.47 -25.31 -4.76
N LEU A 35 13.92 -26.23 -3.91
CA LEU A 35 13.66 -26.11 -2.47
C LEU A 35 14.39 -24.93 -1.87
N LEU A 36 15.60 -24.65 -2.33
CA LEU A 36 16.36 -23.52 -1.82
C LEU A 36 15.75 -22.18 -2.22
N ALA A 37 14.89 -22.17 -3.24
CA ALA A 37 14.24 -20.93 -3.63
C ALA A 37 13.14 -20.53 -2.66
N LEU A 38 12.52 -21.51 -2.00
CA LEU A 38 11.53 -21.20 -0.97
C LEU A 38 12.16 -20.45 0.19
N LEU A 39 13.34 -20.87 0.62
CA LEU A 39 14.00 -20.22 1.75
C LEU A 39 14.37 -18.78 1.42
N PHE A 40 14.92 -18.56 0.21
CA PHE A 40 15.26 -17.20 -0.17
C PHE A 40 14.03 -16.37 -0.46
N GLY A 41 12.96 -16.99 -0.97
CA GLY A 41 11.70 -16.28 -1.11
C GLY A 41 11.12 -15.88 0.24
N ALA A 42 11.10 -16.82 1.18
CA ALA A 42 10.56 -16.53 2.50
C ALA A 42 11.44 -15.54 3.26
N CYS A 43 12.73 -15.49 2.95
CA CYS A 43 13.62 -14.53 3.58
C CYS A 43 13.26 -13.09 3.24
N GLY A 44 12.55 -12.87 2.13
CA GLY A 44 12.18 -11.53 1.74
C GLY A 44 11.11 -10.91 2.59
N THR A 45 10.29 -11.72 3.26
CA THR A 45 9.25 -11.18 4.12
C THR A 45 9.81 -10.53 5.37
N LEU A 46 11.04 -10.87 5.76
CA LEU A 46 11.67 -10.27 6.93
C LEU A 46 12.10 -8.84 6.68
N ALA A 47 12.02 -8.35 5.44
CA ALA A 47 12.45 -7.00 5.11
C ALA A 47 11.39 -5.96 5.37
N PHE A 48 10.18 -6.34 5.76
CA PHE A 48 9.07 -5.42 5.84
C PHE A 48 8.80 -5.03 7.29
N SER A 49 7.68 -4.32 7.51
CA SER A 49 7.50 -3.52 8.72
C SER A 49 7.62 -4.30 10.03
N PRO A 50 6.97 -5.45 10.21
CA PRO A 50 7.04 -6.11 11.53
C PRO A 50 8.45 -6.48 11.94
N TYR A 51 9.35 -6.71 10.99
CA TYR A 51 10.71 -7.13 11.26
C TYR A 51 11.75 -6.07 10.95
N ASP A 52 11.58 -5.33 9.85
CA ASP A 52 12.43 -4.20 9.49
C ASP A 52 13.90 -4.62 9.40
N VAL A 53 14.16 -5.56 8.51
CA VAL A 53 15.52 -6.00 8.20
C VAL A 53 15.71 -5.80 6.71
N TRP A 54 16.20 -4.62 6.31
CA TRP A 54 16.38 -4.31 4.90
C TRP A 54 17.48 -5.15 4.24
N PRO A 55 18.50 -5.66 4.95
CA PRO A 55 19.40 -6.62 4.31
C PRO A 55 18.71 -7.87 3.82
N ALA A 56 17.58 -8.26 4.41
CA ALA A 56 16.87 -9.45 3.95
C ALA A 56 16.33 -9.26 2.54
N ALA A 57 15.99 -8.02 2.17
CA ALA A 57 15.56 -7.77 0.80
C ALA A 57 16.68 -8.02 -0.19
N ILE A 58 17.90 -7.60 0.15
CA ILE A 58 19.04 -7.81 -0.74
C ILE A 58 19.35 -9.30 -0.85
N ILE A 59 19.34 -10.01 0.27
CA ILE A 59 19.65 -11.44 0.27
C ILE A 59 18.60 -12.21 -0.51
N SER A 60 17.32 -11.85 -0.34
CA SER A 60 16.25 -12.56 -1.04
C SER A 60 16.36 -12.38 -2.55
N LEU A 61 16.60 -11.14 -3.00
CA LEU A 61 16.75 -10.90 -4.43
C LEU A 61 18.05 -11.50 -4.96
N MET A 62 19.10 -11.50 -4.13
CA MET A 62 20.36 -12.14 -4.53
C MET A 62 20.16 -13.62 -4.74
N GLY A 63 19.36 -14.27 -3.90
CA GLY A 63 19.07 -15.67 -4.09
C GLY A 63 18.30 -15.96 -5.37
N LEU A 64 17.32 -15.10 -5.69
CA LEU A 64 16.56 -15.29 -6.91
C LEU A 64 17.43 -15.18 -8.14
N GLN A 65 18.32 -14.17 -8.17
CA GLN A 65 19.20 -14.01 -9.31
C GLN A 65 20.18 -15.17 -9.44
N ALA A 66 20.77 -15.60 -8.31
CA ALA A 66 21.82 -16.61 -8.36
C ALA A 66 21.25 -17.98 -8.69
N LEU A 67 20.06 -18.30 -8.17
CA LEU A 67 19.52 -19.63 -8.37
C LEU A 67 19.04 -19.85 -9.80
N THR A 68 18.73 -18.77 -10.53
CA THR A 68 18.29 -18.88 -11.91
C THR A 68 19.43 -18.88 -12.91
N PHE A 69 20.67 -19.05 -12.44
CA PHE A 69 21.83 -19.08 -13.31
C PHE A 69 22.01 -20.47 -13.91
N ASN A 70 22.32 -20.50 -15.21
CA ASN A 70 22.60 -21.74 -15.93
C ASN A 70 21.45 -22.73 -15.81
N ARG A 71 20.22 -22.23 -15.94
CA ARG A 71 19.03 -23.05 -15.91
C ARG A 71 18.25 -22.85 -17.20
N ARG A 72 17.53 -23.89 -17.61
CA ARG A 72 16.68 -23.80 -18.78
C ARG A 72 15.52 -22.85 -18.51
N PRO A 73 14.94 -22.27 -19.56
CA PRO A 73 13.86 -21.28 -19.32
C PRO A 73 12.69 -21.82 -18.55
N LEU A 74 12.30 -23.08 -18.78
CA LEU A 74 11.22 -23.68 -18.01
C LEU A 74 11.66 -23.97 -16.58
N GLN A 75 12.92 -24.39 -16.40
CA GLN A 75 13.41 -24.65 -15.06
C GLN A 75 13.59 -23.35 -14.27
N SER A 76 13.98 -22.27 -14.95
CA SER A 76 14.09 -20.98 -14.28
C SER A 76 12.71 -20.47 -13.83
N ALA A 77 11.68 -20.71 -14.65
CA ALA A 77 10.34 -20.29 -14.27
C ALA A 77 9.86 -21.04 -13.02
N ALA A 78 10.18 -22.32 -12.92
CA ALA A 78 9.84 -23.08 -11.72
C ALA A 78 10.57 -22.52 -10.50
N ILE A 79 11.84 -22.16 -10.66
CA ILE A 79 12.59 -21.54 -9.57
C ILE A 79 11.97 -20.19 -9.21
N GLY A 80 11.60 -19.40 -10.22
CA GLY A 80 10.96 -18.13 -9.95
C GLY A 80 9.61 -18.28 -9.28
N PHE A 81 8.84 -19.29 -9.70
CA PHE A 81 7.56 -19.55 -9.06
C PHE A 81 7.74 -19.96 -7.60
N CYS A 82 8.70 -20.83 -7.32
CA CYS A 82 8.91 -21.28 -5.96
C CYS A 82 9.51 -20.17 -5.10
N TRP A 83 10.34 -19.31 -5.69
CA TRP A 83 10.80 -18.13 -4.97
C TRP A 83 9.64 -17.22 -4.61
N GLY A 84 8.72 -17.02 -5.56
CA GLY A 84 7.54 -16.23 -5.28
C GLY A 84 6.62 -16.89 -4.26
N PHE A 85 6.46 -18.21 -4.37
CA PHE A 85 5.61 -18.92 -3.42
C PHE A 85 6.17 -18.83 -2.01
N GLY A 86 7.49 -18.81 -1.87
CA GLY A 86 8.09 -18.59 -0.57
C GLY A 86 7.83 -17.19 -0.05
N LEU A 87 7.90 -16.19 -0.94
CA LEU A 87 7.67 -14.81 -0.52
C LEU A 87 6.21 -14.57 -0.18
N PHE A 88 5.30 -15.04 -1.02
CA PHE A 88 3.88 -14.84 -0.80
C PHE A 88 3.23 -15.95 0.03
N GLY A 89 3.96 -17.03 0.31
CA GLY A 89 3.46 -18.01 1.25
C GLY A 89 3.70 -17.67 2.70
N SER A 90 4.51 -16.64 2.96
CA SER A 90 4.77 -16.19 4.31
C SER A 90 4.66 -14.68 4.47
N GLY A 91 4.56 -13.92 3.37
CA GLY A 91 4.43 -12.49 3.46
C GLY A 91 3.00 -12.00 3.44
N ILE A 92 2.12 -12.75 2.75
CA ILE A 92 0.70 -12.41 2.72
C ILE A 92 -0.11 -13.59 3.25
N ASN A 93 0.49 -14.38 4.14
CA ASN A 93 -0.25 -15.44 4.82
C ASN A 93 -1.20 -14.91 5.86
N TRP A 94 -1.12 -13.61 6.18
CA TRP A 94 -2.05 -12.97 7.11
C TRP A 94 -3.44 -12.82 6.52
N VAL A 95 -3.60 -12.99 5.20
CA VAL A 95 -4.92 -12.94 4.59
C VAL A 95 -5.79 -14.08 5.12
N TYR A 96 -5.17 -15.18 5.55
CA TYR A 96 -5.93 -16.29 6.12
C TYR A 96 -6.71 -15.85 7.35
N VAL A 97 -6.18 -14.90 8.13
CA VAL A 97 -6.87 -14.46 9.34
C VAL A 97 -8.20 -13.82 8.98
N SER A 98 -8.21 -12.95 7.96
CA SER A 98 -9.44 -12.34 7.52
C SER A 98 -10.39 -13.38 6.94
N ILE A 99 -9.86 -14.32 6.16
CA ILE A 99 -10.68 -15.34 5.52
C ILE A 99 -11.27 -16.31 6.53
N ALA A 100 -10.50 -16.70 7.55
CA ALA A 100 -10.95 -17.71 8.50
C ALA A 100 -11.83 -17.14 9.60
N THR A 101 -11.56 -15.91 10.06
CA THR A 101 -12.33 -15.35 11.17
C THR A 101 -13.77 -15.08 10.76
N PHE A 102 -13.98 -14.39 9.64
CA PHE A 102 -15.30 -14.12 9.09
C PHE A 102 -15.26 -14.47 7.61
N GLY A 103 -15.35 -15.76 7.29
CA GLY A 103 -15.49 -16.18 5.91
C GLY A 103 -16.67 -17.09 5.69
N GLY A 104 -17.09 -17.80 6.74
CA GLY A 104 -18.19 -18.74 6.63
C GLY A 104 -17.89 -19.99 5.84
N MET A 105 -16.63 -20.20 5.43
CA MET A 105 -16.22 -21.32 4.59
C MET A 105 -15.52 -22.38 5.42
N PRO A 106 -15.52 -23.64 5.00
CA PRO A 106 -14.82 -24.68 5.76
C PRO A 106 -13.33 -24.41 5.88
N GLY A 107 -12.70 -25.00 6.90
CA GLY A 107 -11.30 -24.77 7.18
C GLY A 107 -10.37 -25.17 6.06
N PRO A 108 -10.53 -26.38 5.51
CA PRO A 108 -9.71 -26.75 4.34
C PRO A 108 -9.89 -25.81 3.17
N VAL A 109 -11.09 -25.28 2.97
CA VAL A 109 -11.33 -24.33 1.88
C VAL A 109 -10.55 -23.05 2.10
N ASN A 110 -10.51 -22.56 3.35
CA ASN A 110 -9.82 -21.31 3.64
C ASN A 110 -8.33 -21.44 3.34
N ILE A 111 -7.72 -22.58 3.68
CA ILE A 111 -6.30 -22.79 3.42
C ILE A 111 -6.03 -22.77 1.92
N PHE A 112 -6.93 -23.36 1.13
CA PHE A 112 -6.74 -23.44 -0.31
C PHE A 112 -6.70 -22.05 -0.95
N LEU A 113 -7.57 -21.14 -0.48
CA LEU A 113 -7.63 -19.82 -1.09
C LEU A 113 -6.34 -19.03 -0.85
N VAL A 114 -5.75 -19.17 0.34
CA VAL A 114 -4.49 -18.48 0.60
C VAL A 114 -3.36 -19.06 -0.24
N VAL A 115 -3.36 -20.38 -0.42
CA VAL A 115 -2.39 -21.02 -1.30
C VAL A 115 -2.58 -20.55 -2.73
N LEU A 116 -3.84 -20.45 -3.17
CA LEU A 116 -4.11 -20.00 -4.53
C LEU A 116 -3.65 -18.57 -4.75
N LEU A 117 -3.83 -17.70 -3.75
CA LEU A 117 -3.35 -16.32 -3.87
C LEU A 117 -1.83 -16.28 -3.97
N ALA A 118 -1.14 -17.08 -3.16
CA ALA A 118 0.32 -17.15 -3.26
C ALA A 118 0.76 -17.74 -4.59
N ALA A 119 0.05 -18.77 -5.06
CA ALA A 119 0.39 -19.37 -6.35
C ALA A 119 0.16 -18.39 -7.50
N TYR A 120 -0.93 -17.62 -7.44
CA TYR A 120 -1.22 -16.68 -8.51
C TYR A 120 -0.16 -15.58 -8.58
N LEU A 121 0.17 -14.99 -7.43
CA LEU A 121 1.17 -13.91 -7.42
C LEU A 121 2.56 -14.44 -7.76
N SER A 122 2.80 -15.74 -7.53
CA SER A 122 4.08 -16.33 -7.89
C SER A 122 4.23 -16.56 -9.38
N LEU A 123 3.13 -16.48 -10.14
CA LEU A 123 3.23 -16.62 -11.59
C LEU A 123 4.05 -15.48 -12.19
N TYR A 124 3.85 -14.26 -11.69
CA TYR A 124 4.59 -13.12 -12.21
C TYR A 124 6.07 -13.23 -11.89
N THR A 125 6.41 -13.69 -10.69
CA THR A 125 7.80 -13.98 -10.38
C THR A 125 8.31 -15.15 -11.22
N GLY A 126 7.46 -16.17 -11.42
CA GLY A 126 7.83 -17.25 -12.32
C GLY A 126 7.95 -16.80 -13.75
N LEU A 127 7.07 -15.88 -14.18
CA LEU A 127 7.19 -15.31 -15.52
C LEU A 127 8.46 -14.50 -15.66
N PHE A 128 8.83 -13.74 -14.63
CA PHE A 128 10.04 -12.93 -14.69
C PHE A 128 11.27 -13.79 -14.88
N ALA A 129 11.38 -14.88 -14.11
CA ALA A 129 12.54 -15.76 -14.22
C ALA A 129 12.51 -16.55 -15.51
N GLY A 130 11.31 -16.95 -15.96
CA GLY A 130 11.21 -17.70 -17.20
C GLY A 130 11.62 -16.90 -18.42
N VAL A 131 11.16 -15.65 -18.49
CA VAL A 131 11.52 -14.78 -19.61
C VAL A 131 12.99 -14.38 -19.53
N LEU A 132 13.48 -14.11 -18.32
CA LEU A 132 14.86 -13.66 -18.17
C LEU A 132 15.85 -14.71 -18.67
N SER A 133 15.60 -15.99 -18.35
CA SER A 133 16.51 -17.04 -18.80
C SER A 133 16.34 -17.35 -20.27
N ARG A 134 15.16 -17.11 -20.83
CA ARG A 134 14.93 -17.42 -22.23
C ARG A 134 15.71 -16.48 -23.15
N LEU A 135 15.63 -15.17 -22.87
CA LEU A 135 16.27 -14.20 -23.75
C LEU A 135 17.73 -13.95 -23.39
N TRP A 136 18.09 -14.13 -22.12
CA TRP A 136 19.45 -13.90 -21.64
C TRP A 136 19.92 -15.15 -20.90
N PRO A 137 20.29 -16.19 -21.63
CA PRO A 137 20.69 -17.44 -20.95
C PRO A 137 22.02 -17.34 -20.25
N LYS A 138 23.03 -16.74 -20.89
CA LYS A 138 24.35 -16.64 -20.29
C LYS A 138 24.32 -15.71 -19.09
N THR A 139 25.07 -16.08 -18.05
CA THR A 139 25.14 -15.29 -16.82
C THR A 139 26.20 -14.21 -17.00
N THR A 140 25.76 -13.02 -17.40
CA THR A 140 26.65 -11.89 -17.61
C THR A 140 26.11 -10.68 -16.86
N TRP A 141 26.89 -9.60 -16.91
CA TRP A 141 26.47 -8.36 -16.24
C TRP A 141 25.24 -7.77 -16.90
N LEU A 142 25.06 -8.03 -18.20
CA LEU A 142 23.88 -7.53 -18.91
C LEU A 142 22.60 -8.15 -18.33
N ARG A 143 22.64 -9.45 -18.04
CA ARG A 143 21.45 -10.13 -17.53
C ARG A 143 21.05 -9.63 -16.15
N VAL A 144 22.03 -9.48 -15.25
CA VAL A 144 21.71 -9.20 -13.85
C VAL A 144 21.58 -7.72 -13.54
N ALA A 145 22.15 -6.85 -14.35
CA ALA A 145 22.13 -5.42 -14.07
C ALA A 145 21.27 -4.62 -15.03
N ILE A 146 21.24 -5.00 -16.31
CA ILE A 146 20.50 -4.28 -17.32
C ILE A 146 19.19 -4.97 -17.65
N ALA A 147 19.21 -6.30 -17.80
CA ALA A 147 18.03 -7.02 -18.27
C ALA A 147 17.05 -7.30 -17.14
N ALA A 148 17.54 -7.87 -16.03
CA ALA A 148 16.64 -8.28 -14.95
C ALA A 148 15.90 -7.10 -14.33
N PRO A 149 16.55 -5.99 -13.94
CA PRO A 149 15.77 -4.88 -13.37
C PRO A 149 14.72 -4.32 -14.31
N ALA A 150 15.02 -4.24 -15.61
CA ALA A 150 14.03 -3.78 -16.57
C ALA A 150 12.87 -4.76 -16.67
N LEU A 151 13.17 -6.05 -16.70
CA LEU A 151 12.13 -7.07 -16.77
C LEU A 151 11.39 -7.20 -15.44
N TRP A 152 12.08 -6.93 -14.33
CA TRP A 152 11.44 -7.02 -13.03
C TRP A 152 10.33 -5.99 -12.88
N GLN A 153 10.57 -4.76 -13.35
CA GLN A 153 9.55 -3.73 -13.26
C GLN A 153 8.36 -4.05 -14.15
N VAL A 154 8.61 -4.61 -15.33
CA VAL A 154 7.51 -4.98 -16.23
C VAL A 154 6.63 -6.05 -15.60
N THR A 155 7.26 -7.07 -15.00
CA THR A 155 6.48 -8.12 -14.34
C THR A 155 5.83 -7.61 -13.07
N GLU A 156 6.51 -6.74 -12.33
CA GLU A 156 5.90 -6.15 -11.15
C GLU A 156 4.74 -5.22 -11.52
N PHE A 157 4.86 -4.52 -12.65
CA PHE A 157 3.75 -3.71 -13.12
C PHE A 157 2.55 -4.59 -13.46
N LEU A 158 2.78 -5.71 -14.13
CA LEU A 158 1.67 -6.61 -14.48
C LEU A 158 1.03 -7.19 -13.24
N ARG A 159 1.82 -7.52 -12.22
CA ARG A 159 1.26 -8.02 -10.97
C ARG A 159 0.39 -6.94 -10.31
N GLY A 160 0.80 -5.68 -10.42
CA GLY A 160 0.05 -4.57 -9.88
C GLY A 160 -0.99 -3.98 -10.80
N TRP A 161 -1.24 -4.57 -11.96
CA TRP A 161 -2.21 -4.06 -12.92
C TRP A 161 -3.27 -5.07 -13.33
N VAL A 162 -2.91 -6.35 -13.45
CA VAL A 162 -3.87 -7.35 -13.92
C VAL A 162 -4.92 -7.60 -12.84
N LEU A 163 -6.19 -7.59 -13.24
CA LEU A 163 -7.32 -7.79 -12.33
C LEU A 163 -7.29 -6.78 -11.19
N THR A 164 -7.02 -5.52 -11.55
CA THR A 164 -6.80 -4.39 -10.64
C THR A 164 -5.52 -4.52 -9.84
N GLY A 165 -4.81 -5.63 -9.95
CA GLY A 165 -3.48 -5.76 -9.39
C GLY A 165 -3.48 -6.00 -7.90
N PHE A 166 -2.29 -6.32 -7.39
CA PHE A 166 -2.03 -6.44 -5.96
C PHE A 166 -0.57 -6.12 -5.71
N PRO A 167 -0.20 -4.84 -5.76
CA PRO A 167 1.20 -4.47 -5.63
C PRO A 167 1.70 -4.55 -4.20
N TRP A 168 1.65 -5.76 -3.63
CA TRP A 168 2.06 -6.00 -2.25
C TRP A 168 3.43 -6.66 -2.22
N LEU A 169 4.11 -6.51 -1.09
CA LEU A 169 5.43 -7.09 -0.87
C LEU A 169 6.43 -6.64 -1.92
N GLN A 170 6.41 -5.35 -2.25
CA GLN A 170 7.44 -4.77 -3.10
C GLN A 170 8.63 -4.36 -2.25
N PHE A 171 9.82 -4.80 -2.66
CA PHE A 171 11.03 -4.57 -1.86
C PHE A 171 11.43 -3.12 -1.80
N GLY A 172 10.86 -2.25 -2.63
CA GLY A 172 11.15 -0.84 -2.53
C GLY A 172 10.70 -0.23 -1.22
N TYR A 173 9.59 -0.73 -0.66
CA TYR A 173 9.08 -0.20 0.60
C TYR A 173 9.94 -0.61 1.79
N SER A 174 10.81 -1.61 1.64
CA SER A 174 11.67 -2.02 2.74
C SER A 174 12.75 -1.00 3.04
N GLN A 175 12.98 -0.05 2.14
CA GLN A 175 14.00 0.97 2.31
C GLN A 175 13.43 2.28 2.86
N ILE A 176 12.32 2.21 3.58
CA ILE A 176 11.72 3.41 4.15
C ILE A 176 12.66 4.04 5.17
N ASP A 177 13.29 3.20 6.00
CA ASP A 177 14.30 3.64 6.95
C ASP A 177 15.70 3.21 6.55
N GLY A 178 15.86 2.65 5.35
CA GLY A 178 17.15 2.21 4.87
C GLY A 178 17.95 3.33 4.27
N PRO A 179 19.12 3.00 3.70
CA PRO A 179 19.97 4.04 3.11
C PRO A 179 19.52 4.50 1.73
N LEU A 180 18.55 3.84 1.12
CA LEU A 180 18.05 4.21 -0.20
C LEU A 180 16.77 5.03 -0.13
N LYS A 181 16.39 5.50 1.06
CA LYS A 181 15.16 6.27 1.19
C LYS A 181 15.24 7.60 0.46
N GLY A 182 16.44 8.10 0.17
CA GLY A 182 16.58 9.36 -0.53
C GLY A 182 16.19 9.29 -1.99
N LEU A 183 16.18 8.10 -2.57
CA LEU A 183 15.78 7.94 -3.96
C LEU A 183 14.27 7.97 -4.15
N ALA A 184 13.50 7.73 -3.08
CA ALA A 184 12.04 7.74 -3.20
C ALA A 184 11.48 9.09 -3.60
N PRO A 185 11.85 10.22 -3.00
CA PRO A 185 11.28 11.50 -3.44
C PRO A 185 11.73 11.93 -4.82
N ILE A 186 12.67 11.23 -5.45
CA ILE A 186 13.19 11.61 -6.75
C ILE A 186 12.54 10.82 -7.88
N MET A 187 12.37 9.52 -7.70
CA MET A 187 11.80 8.69 -8.77
C MET A 187 10.64 7.82 -8.27
N GLY A 188 10.59 7.56 -6.98
CA GLY A 188 9.49 6.81 -6.38
C GLY A 188 9.95 5.48 -5.82
N VAL A 189 8.99 4.77 -5.24
CA VAL A 189 9.28 3.46 -4.65
C VAL A 189 9.63 2.45 -5.73
N GLU A 190 9.00 2.54 -6.90
CA GLU A 190 9.26 1.59 -7.98
C GLU A 190 10.66 1.71 -8.55
N ALA A 191 11.39 2.77 -8.21
CA ALA A 191 12.80 2.89 -8.58
C ALA A 191 13.72 2.33 -7.52
N ILE A 192 13.29 2.29 -6.27
CA ILE A 192 14.11 1.70 -5.21
C ILE A 192 14.27 0.21 -5.44
N ASN A 193 13.16 -0.49 -5.71
CA ASN A 193 13.26 -1.91 -5.99
C ASN A 193 13.85 -2.18 -7.36
N PHE A 194 13.80 -1.18 -8.26
CA PHE A 194 14.56 -1.27 -9.50
C PHE A 194 16.06 -1.26 -9.21
N LEU A 195 16.49 -0.38 -8.30
CA LEU A 195 17.89 -0.33 -7.93
C LEU A 195 18.29 -1.53 -7.09
N LEU A 196 17.37 -2.02 -6.25
CA LEU A 196 17.67 -3.20 -5.45
C LEU A 196 17.93 -4.42 -6.32
N MET A 197 17.18 -4.55 -7.41
CA MET A 197 17.43 -5.65 -8.35
C MET A 197 18.79 -5.50 -9.01
N MET A 198 19.19 -4.26 -9.32
CA MET A 198 20.52 -4.04 -9.89
C MET A 198 21.61 -4.46 -8.89
N VAL A 199 21.50 -3.99 -7.65
CA VAL A 199 22.52 -4.27 -6.66
C VAL A 199 22.56 -5.76 -6.31
N SER A 200 21.39 -6.35 -6.09
CA SER A 200 21.33 -7.77 -5.74
C SER A 200 21.79 -8.64 -6.90
N GLY A 201 21.42 -8.27 -8.13
CA GLY A 201 21.87 -9.04 -9.28
C GLY A 201 23.37 -9.00 -9.45
N LEU A 202 23.97 -7.83 -9.24
CA LEU A 202 25.43 -7.72 -9.33
C LEU A 202 26.11 -8.49 -8.19
N LEU A 203 25.52 -8.47 -7.00
CA LEU A 203 26.08 -9.24 -5.89
C LEU A 203 25.99 -10.73 -6.17
N ALA A 204 24.87 -11.19 -6.74
CA ALA A 204 24.75 -12.59 -7.12
C ALA A 204 25.75 -12.95 -8.20
N LEU A 205 25.96 -12.06 -9.17
CA LEU A 205 26.95 -12.30 -10.20
C LEU A 205 28.36 -12.38 -9.62
N ALA A 206 28.67 -11.51 -8.66
CA ALA A 206 29.98 -11.55 -8.03
C ALA A 206 30.19 -12.83 -7.25
N LEU A 207 29.17 -13.26 -6.51
CA LEU A 207 29.31 -14.44 -5.66
C LEU A 207 29.49 -15.70 -6.49
N VAL A 208 28.70 -15.85 -7.56
CA VAL A 208 28.74 -17.08 -8.36
C VAL A 208 30.05 -17.20 -9.11
N LYS A 209 30.48 -16.12 -9.75
CA LYS A 209 31.66 -16.16 -10.61
C LYS A 209 32.94 -15.80 -9.87
N ARG A 210 32.86 -15.51 -8.56
CA ARG A 210 34.03 -15.16 -7.75
C ARG A 210 34.82 -14.00 -8.35
N ASN A 211 34.09 -12.96 -8.75
CA ASN A 211 34.67 -11.78 -9.37
C ASN A 211 34.36 -10.56 -8.51
N TRP A 212 35.40 -9.77 -8.19
CA TRP A 212 35.21 -8.62 -7.34
C TRP A 212 34.67 -7.41 -8.09
N ARG A 213 34.74 -7.41 -9.42
CA ARG A 213 34.24 -6.30 -10.22
C ARG A 213 32.73 -6.11 -10.06
N PRO A 214 31.90 -7.16 -10.17
CA PRO A 214 30.48 -6.97 -9.89
C PRO A 214 30.20 -6.57 -8.45
N LEU A 215 31.09 -6.93 -7.52
CA LEU A 215 30.92 -6.56 -6.12
C LEU A 215 31.17 -5.08 -5.88
N VAL A 216 32.23 -4.52 -6.47
CA VAL A 216 32.53 -3.10 -6.28
C VAL A 216 31.45 -2.25 -6.95
N VAL A 217 31.04 -2.62 -8.17
CA VAL A 217 30.00 -1.86 -8.86
C VAL A 217 28.70 -1.89 -8.08
N ALA A 218 28.38 -3.04 -7.47
CA ALA A 218 27.18 -3.13 -6.65
C ALA A 218 27.29 -2.25 -5.41
N VAL A 219 28.48 -2.20 -4.79
CA VAL A 219 28.67 -1.35 -3.63
C VAL A 219 28.54 0.12 -4.00
N VAL A 220 29.17 0.52 -5.10
CA VAL A 220 29.14 1.92 -5.51
C VAL A 220 27.72 2.36 -5.86
N LEU A 221 27.00 1.53 -6.61
CA LEU A 221 25.63 1.89 -6.99
C LEU A 221 24.72 1.96 -5.77
N PHE A 222 24.98 1.15 -4.75
CA PHE A 222 24.18 1.20 -3.53
C PHE A 222 24.54 2.38 -2.65
N ALA A 223 25.82 2.79 -2.64
CA ALA A 223 26.25 3.89 -1.78
C ALA A 223 26.01 5.26 -2.40
N LEU A 224 25.72 5.32 -3.71
CA LEU A 224 25.45 6.61 -4.35
C LEU A 224 24.20 7.30 -3.82
N PRO A 225 23.05 6.64 -3.68
CA PRO A 225 21.86 7.35 -3.19
C PRO A 225 21.88 7.70 -1.72
N PHE A 226 22.96 7.38 -0.99
CA PHE A 226 22.98 7.70 0.44
C PHE A 226 22.96 9.19 0.72
N PRO A 227 23.78 10.04 0.09
CA PRO A 227 23.67 11.48 0.35
C PRO A 227 22.36 12.09 -0.10
N LEU A 228 21.60 11.41 -0.96
CA LEU A 228 20.30 11.92 -1.38
C LEU A 228 19.29 11.94 -0.24
N ARG A 229 19.49 11.15 0.81
CA ARG A 229 18.55 11.11 1.92
C ARG A 229 18.66 12.31 2.84
N TYR A 230 19.70 13.12 2.69
CA TYR A 230 19.84 14.35 3.47
C TYR A 230 19.26 15.56 2.76
N ILE A 231 18.65 15.36 1.59
CA ILE A 231 18.04 16.44 0.83
C ILE A 231 16.55 16.45 1.14
N GLN A 232 16.04 17.61 1.58
CA GLN A 232 14.63 17.79 1.85
C GLN A 232 14.07 18.78 0.84
N TRP A 233 13.03 18.36 0.12
CA TRP A 233 12.39 19.19 -0.90
C TRP A 233 11.27 20.06 -0.35
N PHE A 234 11.04 20.01 0.96
CA PHE A 234 9.92 20.69 1.59
C PHE A 234 10.43 21.76 2.55
N THR A 235 9.71 22.87 2.62
CA THR A 235 9.98 23.89 3.62
C THR A 235 8.83 23.89 4.62
N PRO A 236 9.06 23.48 5.87
CA PRO A 236 7.96 23.42 6.83
C PRO A 236 7.43 24.82 7.13
N GLN A 237 6.15 24.87 7.56
CA GLN A 237 5.45 26.11 7.82
C GLN A 237 5.09 26.18 9.30
N PRO A 238 5.96 26.75 10.14
CA PRO A 238 5.64 26.85 11.57
C PRO A 238 4.40 27.68 11.86
N GLU A 239 4.11 28.69 11.04
CA GLU A 239 2.97 29.56 11.30
C GLU A 239 1.63 28.87 11.08
N LYS A 240 1.62 27.66 10.51
CA LYS A 240 0.39 26.93 10.24
C LYS A 240 0.32 25.63 11.02
N THR A 241 0.99 25.57 12.17
CA THR A 241 0.95 24.37 12.99
C THR A 241 -0.41 24.25 13.66
N ILE A 242 -0.97 23.04 13.61
CA ILE A 242 -2.28 22.75 14.18
C ILE A 242 -2.18 21.50 15.04
N GLN A 243 -3.18 21.33 15.90
CA GLN A 243 -3.31 20.13 16.73
C GLN A 243 -4.31 19.19 16.07
N VAL A 244 -3.85 18.00 15.71
CA VAL A 244 -4.67 17.00 15.02
C VAL A 244 -4.92 15.84 15.96
N SER A 245 -6.19 15.51 16.16
CA SER A 245 -6.60 14.39 17.00
C SER A 245 -7.27 13.34 16.13
N MET A 246 -6.77 12.12 16.17
CA MET A 246 -7.32 11.00 15.42
C MET A 246 -7.86 9.98 16.42
N VAL A 247 -9.15 9.68 16.30
CA VAL A 247 -9.83 8.79 17.24
C VAL A 247 -9.75 7.37 16.72
N GLN A 248 -9.29 6.46 17.58
CA GLN A 248 -9.22 5.03 17.26
C GLN A 248 -10.32 4.33 18.04
N GLY A 249 -11.42 4.02 17.36
CA GLY A 249 -12.58 3.47 18.03
C GLY A 249 -12.36 2.08 18.61
N ASP A 250 -11.56 1.26 17.92
CA ASP A 250 -11.39 -0.15 18.28
C ASP A 250 -12.73 -0.86 18.34
N ILE A 251 -13.57 -0.61 17.34
CA ILE A 251 -14.86 -1.29 17.24
C ILE A 251 -14.61 -2.73 16.76
N PRO A 252 -15.15 -3.74 17.44
CA PRO A 252 -14.96 -5.12 16.99
C PRO A 252 -15.47 -5.29 15.56
N GLN A 253 -14.67 -5.97 14.75
CA GLN A 253 -15.02 -6.14 13.34
C GLN A 253 -16.26 -6.99 13.17
N SER A 254 -16.40 -8.04 13.98
CA SER A 254 -17.55 -8.93 13.85
C SER A 254 -18.86 -8.20 14.15
N LEU A 255 -18.86 -7.36 15.18
CA LEU A 255 -20.07 -6.64 15.60
C LEU A 255 -20.21 -5.28 14.93
N LYS A 256 -19.25 -4.89 14.08
CA LYS A 256 -19.26 -3.55 13.51
C LYS A 256 -20.52 -3.30 12.68
N TRP A 257 -20.71 -4.09 11.63
CA TRP A 257 -21.83 -3.90 10.70
C TRP A 257 -23.06 -4.66 11.22
N ASP A 258 -23.60 -4.15 12.32
CA ASP A 258 -24.78 -4.72 12.95
C ASP A 258 -25.72 -3.60 13.37
N GLU A 259 -27.02 -3.92 13.44
CA GLU A 259 -28.02 -2.99 13.94
C GLU A 259 -28.09 -3.15 15.45
N GLY A 260 -27.67 -2.11 16.17
CA GLY A 260 -27.56 -2.17 17.62
C GLY A 260 -26.19 -1.70 18.05
N GLN A 261 -25.17 -2.04 17.27
CA GLN A 261 -23.83 -1.48 17.47
C GLN A 261 -23.69 -0.11 16.82
N LEU A 262 -24.63 0.27 15.95
CA LEU A 262 -24.57 1.58 15.31
C LEU A 262 -24.69 2.69 16.34
N LEU A 263 -25.63 2.57 17.27
CA LEU A 263 -25.80 3.60 18.29
C LEU A 263 -24.58 3.69 19.20
N ASN A 264 -24.02 2.54 19.58
CA ASN A 264 -22.83 2.53 20.42
C ASN A 264 -21.62 3.10 19.68
N THR A 265 -21.48 2.75 18.39
CA THR A 265 -20.35 3.25 17.62
C THR A 265 -20.40 4.77 17.50
N LEU A 266 -21.58 5.33 17.24
CA LEU A 266 -21.71 6.78 17.19
C LEU A 266 -21.40 7.41 18.54
N LYS A 267 -21.90 6.80 19.63
CA LYS A 267 -21.66 7.36 20.96
C LYS A 267 -20.20 7.27 21.34
N ILE A 268 -19.53 6.18 20.97
CA ILE A 268 -18.11 6.03 21.30
C ILE A 268 -17.29 7.11 20.62
N TYR A 269 -17.55 7.35 19.34
CA TYR A 269 -16.79 8.37 18.63
C TYR A 269 -17.19 9.78 19.05
N TYR A 270 -18.49 10.01 19.27
CA TYR A 270 -18.95 11.33 19.67
C TYR A 270 -18.41 11.72 21.05
N ASN A 271 -18.40 10.77 21.99
CA ASN A 271 -17.92 11.09 23.33
C ASN A 271 -16.40 11.20 23.37
N ALA A 272 -15.70 10.52 22.46
CA ALA A 272 -14.25 10.69 22.37
C ALA A 272 -13.88 12.00 21.69
N THR A 273 -14.76 12.51 20.82
CA THR A 273 -14.48 13.73 20.07
C THR A 273 -14.93 14.99 20.79
N ALA A 274 -15.93 14.90 21.67
CA ALA A 274 -16.46 16.09 22.33
C ALA A 274 -15.41 16.85 23.12
N PRO A 275 -14.56 16.22 23.96
CA PRO A 275 -13.50 16.99 24.62
C PRO A 275 -12.50 17.62 23.66
N LEU A 276 -12.35 17.07 22.46
CA LEU A 276 -11.37 17.55 21.51
C LEU A 276 -11.84 18.78 20.73
N MET A 277 -13.12 19.12 20.80
CA MET A 277 -13.62 20.27 20.08
C MET A 277 -13.13 21.57 20.72
N GLY A 278 -12.69 22.50 19.88
CA GLY A 278 -12.17 23.76 20.35
C GLY A 278 -10.70 23.75 20.73
N LYS A 279 -10.08 22.59 20.75
CA LYS A 279 -8.65 22.46 21.04
C LYS A 279 -7.87 21.85 19.87
N SER A 280 -8.44 20.87 19.19
CA SER A 280 -7.83 20.29 18.00
C SER A 280 -8.54 20.86 16.78
N SER A 281 -7.77 21.48 15.88
CA SER A 281 -8.34 22.10 14.70
C SER A 281 -8.77 21.07 13.66
N LEU A 282 -8.24 19.86 13.71
CA LEU A 282 -8.60 18.81 12.76
C LEU A 282 -8.79 17.51 13.52
N ILE A 283 -9.95 16.88 13.35
CA ILE A 283 -10.29 15.63 13.99
C ILE A 283 -10.61 14.61 12.91
N ILE A 284 -10.02 13.42 13.04
CA ILE A 284 -10.13 12.39 12.01
C ILE A 284 -10.67 11.11 12.64
N TRP A 285 -11.69 10.52 12.01
CA TRP A 285 -12.26 9.24 12.38
C TRP A 285 -11.85 8.17 11.37
N PRO A 286 -11.78 6.90 11.77
CA PRO A 286 -11.29 5.86 10.87
C PRO A 286 -12.18 5.62 9.66
N GLU A 287 -11.75 4.72 8.79
CA GLU A 287 -12.53 4.40 7.59
C GLU A 287 -13.87 3.80 7.96
N SER A 288 -14.93 4.35 7.36
CA SER A 288 -16.29 3.89 7.59
C SER A 288 -16.63 3.85 9.09
N ALA A 289 -16.22 4.91 9.79
CA ALA A 289 -16.51 5.00 11.22
C ALA A 289 -18.02 5.01 11.46
N ILE A 290 -18.76 5.74 10.63
CA ILE A 290 -20.22 5.73 10.67
C ILE A 290 -20.69 4.64 9.71
N THR A 291 -21.19 3.54 10.26
CA THR A 291 -21.56 2.41 9.41
C THR A 291 -22.83 2.68 8.61
N ASP A 292 -23.81 3.37 9.20
CA ASP A 292 -25.07 3.59 8.51
C ASP A 292 -24.87 4.53 7.33
N LEU A 293 -25.84 4.48 6.40
CA LEU A 293 -25.76 5.30 5.20
C LEU A 293 -25.83 6.78 5.55
N GLU A 294 -25.14 7.59 4.72
CA GLU A 294 -25.09 9.03 4.97
C GLU A 294 -26.48 9.66 4.88
N ILE A 295 -27.30 9.20 3.93
CA ILE A 295 -28.64 9.74 3.78
C ILE A 295 -29.50 9.48 5.00
N ASN A 296 -29.22 8.40 5.75
CA ASN A 296 -30.00 8.07 6.94
C ASN A 296 -29.51 8.81 8.17
N GLN A 297 -28.21 9.00 8.31
CA GLN A 297 -27.64 9.69 9.46
C GLN A 297 -27.49 11.18 9.20
N GLN A 298 -28.57 11.84 8.78
CA GLN A 298 -28.52 13.27 8.53
C GLN A 298 -28.64 14.09 9.81
N PRO A 299 -29.61 13.83 10.71
CA PRO A 299 -29.66 14.65 11.93
C PRO A 299 -28.40 14.58 12.77
N PHE A 300 -27.75 13.43 12.83
CA PHE A 300 -26.51 13.32 13.59
C PHE A 300 -25.40 14.18 12.96
N LEU A 301 -25.27 14.12 11.64
CA LEU A 301 -24.22 14.89 10.97
C LEU A 301 -24.51 16.39 11.03
N LYS A 302 -25.77 16.78 10.86
CA LYS A 302 -26.13 18.18 10.92
C LYS A 302 -25.90 18.74 12.33
N ALA A 303 -26.31 18.01 13.36
CA ALA A 303 -26.09 18.47 14.73
C ALA A 303 -24.61 18.47 15.08
N LEU A 304 -23.88 17.44 14.64
CA LEU A 304 -22.45 17.39 14.92
C LEU A 304 -21.71 18.53 14.23
N ASP A 305 -22.11 18.86 13.00
CA ASP A 305 -21.46 19.96 12.30
C ASP A 305 -21.68 21.29 13.02
N GLY A 306 -22.85 21.47 13.62
CA GLY A 306 -23.09 22.69 14.38
C GLY A 306 -22.19 22.81 15.60
N GLU A 307 -21.99 21.69 16.31
CA GLU A 307 -21.10 21.71 17.46
C GLU A 307 -19.67 22.04 17.05
N LEU A 308 -19.19 21.45 15.96
CA LEU A 308 -17.81 21.68 15.53
C LEU A 308 -17.60 23.12 15.10
N ARG A 309 -18.53 23.69 14.35
CA ARG A 309 -18.35 25.06 13.86
C ARG A 309 -18.36 26.07 15.00
N ASP A 310 -19.25 25.89 15.98
CA ASP A 310 -19.33 26.83 17.09
C ASP A 310 -18.04 26.85 17.90
N LYS A 311 -17.49 25.68 18.19
CA LYS A 311 -16.28 25.58 18.99
C LYS A 311 -15.00 25.77 18.19
N GLY A 312 -15.09 25.75 16.86
CA GLY A 312 -13.92 26.02 16.03
C GLY A 312 -13.07 24.81 15.75
N SER A 313 -13.68 23.76 15.19
CA SER A 313 -12.95 22.56 14.84
C SER A 313 -13.60 21.92 13.62
N SER A 314 -12.85 21.07 12.94
CA SER A 314 -13.33 20.37 11.76
C SER A 314 -13.13 18.87 11.93
N LEU A 315 -14.10 18.10 11.44
CA LEU A 315 -14.06 16.65 11.54
C LEU A 315 -14.00 16.04 10.14
N VAL A 316 -13.16 15.04 9.97
CA VAL A 316 -13.01 14.31 8.72
C VAL A 316 -13.22 12.84 9.04
N THR A 317 -14.39 12.31 8.68
CA THR A 317 -14.77 10.95 9.04
C THR A 317 -15.15 10.16 7.80
N GLY A 318 -14.90 8.86 7.86
CA GLY A 318 -15.28 7.97 6.79
C GLY A 318 -16.71 7.45 7.00
N ILE A 319 -17.42 7.28 5.89
CA ILE A 319 -18.82 6.85 5.91
C ILE A 319 -19.10 6.11 4.60
N VAL A 320 -20.25 5.45 4.54
CA VAL A 320 -20.71 4.77 3.33
C VAL A 320 -21.95 5.50 2.83
N ASP A 321 -21.90 5.96 1.59
CA ASP A 321 -22.96 6.76 1.00
C ASP A 321 -23.50 6.07 -0.24
N ALA A 322 -24.83 6.05 -0.37
CA ALA A 322 -25.51 5.52 -1.54
C ALA A 322 -26.15 6.68 -2.29
N ARG A 323 -25.73 6.88 -3.54
CA ARG A 323 -26.14 8.02 -4.34
C ARG A 323 -26.97 7.56 -5.54
N LEU A 324 -27.99 8.34 -5.87
CA LEU A 324 -28.72 8.13 -7.12
C LEU A 324 -27.87 8.60 -8.29
N ASN A 325 -28.35 8.33 -9.50
CA ASN A 325 -27.61 8.69 -10.70
C ASN A 325 -28.61 9.01 -11.81
N LYS A 326 -28.14 9.03 -13.06
CA LYS A 326 -29.00 9.38 -14.17
C LYS A 326 -30.04 8.30 -14.45
N GLN A 327 -29.66 7.03 -14.28
CA GLN A 327 -30.51 5.90 -14.63
C GLN A 327 -31.40 5.46 -13.48
N ASN A 328 -31.43 6.21 -12.38
CA ASN A 328 -32.28 5.91 -11.23
C ASN A 328 -31.88 4.60 -10.57
N ARG A 329 -30.60 4.48 -10.26
CA ARG A 329 -30.05 3.35 -9.49
C ARG A 329 -29.37 3.90 -8.24
N TYR A 330 -28.69 3.04 -7.52
CA TYR A 330 -27.94 3.43 -6.32
C TYR A 330 -26.48 3.03 -6.48
N ASP A 331 -25.59 4.00 -6.32
CA ASP A 331 -24.15 3.78 -6.38
C ASP A 331 -23.60 3.90 -4.96
N THR A 332 -23.23 2.77 -4.37
CA THR A 332 -22.72 2.77 -3.00
C THR A 332 -21.24 3.10 -3.01
N TYR A 333 -20.86 4.18 -2.34
CA TYR A 333 -19.49 4.65 -2.31
C TYR A 333 -18.91 4.55 -0.91
N ASN A 334 -17.60 4.35 -0.84
CA ASN A 334 -16.85 4.47 0.41
C ASN A 334 -16.36 5.91 0.49
N THR A 335 -17.03 6.72 1.31
CA THR A 335 -16.90 8.17 1.26
C THR A 335 -16.17 8.69 2.48
N ILE A 336 -15.48 9.82 2.30
CA ILE A 336 -14.87 10.57 3.39
C ILE A 336 -15.58 11.92 3.44
N ILE A 337 -16.49 12.08 4.39
CA ILE A 337 -17.23 13.33 4.54
C ILE A 337 -16.47 14.23 5.50
N THR A 338 -16.62 15.54 5.31
CA THR A 338 -15.97 16.54 6.13
C THR A 338 -17.02 17.45 6.75
N LEU A 339 -16.83 17.79 8.03
CA LEU A 339 -17.76 18.62 8.76
C LEU A 339 -16.99 19.63 9.58
N GLY A 340 -17.69 20.67 10.03
CA GLY A 340 -17.13 21.63 10.95
C GLY A 340 -16.71 22.94 10.32
N LYS A 341 -15.83 23.63 11.01
CA LYS A 341 -15.33 24.92 10.55
C LYS A 341 -14.50 24.74 9.29
N GLY A 342 -14.71 25.63 8.32
CA GLY A 342 -14.01 25.58 7.06
C GLY A 342 -14.60 24.63 6.04
N ALA A 343 -15.65 23.90 6.40
CA ALA A 343 -16.30 22.95 5.50
C ALA A 343 -17.70 22.63 6.01
N PRO A 344 -18.68 23.51 5.80
CA PRO A 344 -20.04 23.20 6.25
C PRO A 344 -20.57 21.95 5.57
N TYR A 345 -21.26 21.12 6.35
CA TYR A 345 -21.74 19.84 5.85
C TYR A 345 -22.99 20.02 5.00
N SER A 346 -23.05 19.27 3.90
CA SER A 346 -24.23 19.19 3.06
C SER A 346 -24.19 17.87 2.32
N TYR A 347 -25.35 17.25 2.14
CA TYR A 347 -25.40 15.99 1.40
C TYR A 347 -24.93 16.20 -0.03
N GLU A 348 -25.39 17.26 -0.68
CA GLU A 348 -24.99 17.58 -2.05
C GLU A 348 -23.83 18.56 -2.06
N SER A 349 -22.73 18.14 -1.47
CA SER A 349 -21.51 18.94 -1.37
C SER A 349 -20.40 18.32 -2.20
N ALA A 350 -19.29 19.06 -2.30
CA ALA A 350 -18.13 18.62 -3.06
C ALA A 350 -16.93 18.27 -2.19
N ASP A 351 -16.99 18.56 -0.89
CA ASP A 351 -15.89 18.24 0.03
C ASP A 351 -16.06 16.80 0.52
N ARG A 352 -15.85 15.87 -0.41
CA ARG A 352 -15.95 14.45 -0.11
C ARG A 352 -15.02 13.69 -1.04
N TYR A 353 -14.67 12.47 -0.63
CA TYR A 353 -13.78 11.61 -1.40
C TYR A 353 -14.38 10.22 -1.47
N ASN A 354 -14.66 9.76 -2.69
CA ASN A 354 -15.18 8.42 -2.91
C ASN A 354 -14.02 7.50 -3.29
N LYS A 355 -13.95 6.35 -2.63
CA LYS A 355 -12.87 5.40 -2.90
C LYS A 355 -12.95 4.91 -4.35
N ASN A 356 -11.81 4.92 -5.03
CA ASN A 356 -11.73 4.55 -6.43
C ASN A 356 -11.26 3.11 -6.63
N HIS A 357 -10.14 2.74 -6.02
CA HIS A 357 -9.56 1.40 -6.20
C HIS A 357 -10.09 0.50 -5.10
N LEU A 358 -11.13 -0.28 -5.41
CA LEU A 358 -11.71 -1.17 -4.43
C LEU A 358 -10.82 -2.38 -4.22
N VAL A 359 -10.91 -2.96 -3.02
CA VAL A 359 -10.12 -4.15 -2.68
C VAL A 359 -10.72 -5.37 -3.39
N PRO A 360 -9.93 -6.16 -4.10
CA PRO A 360 -10.49 -7.34 -4.77
C PRO A 360 -11.05 -8.34 -3.78
N PHE A 361 -12.24 -8.84 -4.09
CA PHE A 361 -12.96 -9.84 -3.29
C PHE A 361 -13.35 -9.32 -1.91
N GLY A 362 -13.02 -8.07 -1.62
CA GLY A 362 -13.41 -7.48 -0.35
C GLY A 362 -14.49 -6.43 -0.54
N GLU A 363 -14.42 -5.71 -1.65
CA GLU A 363 -15.43 -4.72 -2.01
C GLU A 363 -16.03 -4.94 -3.40
N PHE A 364 -15.42 -5.78 -4.23
CA PHE A 364 -15.98 -6.15 -5.51
C PHE A 364 -15.40 -7.49 -5.93
N VAL A 365 -16.12 -8.19 -6.81
CA VAL A 365 -15.73 -9.51 -7.27
C VAL A 365 -15.18 -9.38 -8.68
N PRO A 366 -13.88 -9.51 -8.90
CA PRO A 366 -13.34 -9.49 -10.26
C PRO A 366 -13.92 -10.64 -11.09
N LEU A 367 -14.17 -10.35 -12.37
CA LEU A 367 -14.81 -11.31 -13.28
C LEU A 367 -16.13 -11.82 -12.70
N GLU A 368 -16.93 -10.88 -12.18
CA GLU A 368 -18.18 -11.24 -11.52
C GLU A 368 -19.15 -11.94 -12.45
N SER A 369 -19.01 -11.75 -13.76
CA SER A 369 -19.84 -12.47 -14.71
C SER A 369 -19.39 -13.92 -14.90
N ILE A 370 -18.15 -14.23 -14.55
CA ILE A 370 -17.61 -15.57 -14.69
C ILE A 370 -17.59 -16.31 -13.36
N LEU A 371 -17.32 -15.60 -12.27
CA LEU A 371 -17.26 -16.20 -10.94
C LEU A 371 -18.62 -16.33 -10.28
N ARG A 372 -19.69 -15.87 -10.93
CA ARG A 372 -21.03 -16.02 -10.36
C ARG A 372 -21.43 -17.47 -10.16
N PRO A 373 -21.24 -18.39 -11.12
CA PRO A 373 -21.55 -19.80 -10.83
C PRO A 373 -20.75 -20.38 -9.68
N LEU A 374 -19.51 -19.93 -9.50
CA LEU A 374 -18.68 -20.39 -8.38
C LEU A 374 -18.83 -19.52 -7.14
N ALA A 375 -19.73 -18.53 -7.17
CA ALA A 375 -19.96 -17.71 -5.97
C ALA A 375 -20.47 -18.52 -4.79
N PRO A 376 -21.44 -19.44 -4.93
CA PRO A 376 -21.76 -20.32 -3.80
C PRO A 376 -20.58 -21.20 -3.45
N PHE A 377 -20.47 -21.53 -2.16
CA PHE A 377 -19.35 -22.28 -1.60
C PHE A 377 -18.02 -21.55 -1.79
N PHE A 378 -18.07 -20.24 -1.96
CA PHE A 378 -16.86 -19.43 -2.03
C PHE A 378 -16.96 -18.12 -1.24
N ASP A 379 -18.10 -17.85 -0.59
CA ASP A 379 -18.30 -16.64 0.20
C ASP A 379 -18.11 -15.38 -0.61
N LEU A 380 -18.46 -15.41 -1.89
CA LEU A 380 -18.34 -14.24 -2.73
C LEU A 380 -19.37 -13.19 -2.29
N PRO A 381 -18.96 -11.93 -2.14
CA PRO A 381 -19.92 -10.89 -1.74
C PRO A 381 -20.92 -10.60 -2.84
N MET A 382 -22.21 -10.60 -2.47
CA MET A 382 -23.26 -10.33 -3.45
C MET A 382 -23.23 -8.88 -3.91
N SER A 383 -23.11 -7.95 -2.98
CA SER A 383 -23.08 -6.53 -3.30
C SER A 383 -21.66 -6.08 -3.63
N SER A 384 -21.56 -4.85 -4.12
CA SER A 384 -20.25 -4.31 -4.51
C SER A 384 -20.31 -2.79 -4.42
N PHE A 385 -19.21 -2.19 -3.96
CA PHE A 385 -19.10 -0.74 -3.93
C PHE A 385 -18.95 -0.19 -5.35
N SER A 386 -19.27 1.09 -5.50
CA SER A 386 -19.08 1.80 -6.75
C SER A 386 -17.78 2.58 -6.68
N ARG A 387 -17.01 2.54 -7.77
CA ARG A 387 -15.70 3.18 -7.80
C ARG A 387 -15.86 4.67 -8.06
N GLY A 388 -15.23 5.48 -7.21
CA GLY A 388 -15.22 6.91 -7.40
C GLY A 388 -14.28 7.31 -8.51
N PRO A 389 -14.34 8.59 -8.90
CA PRO A 389 -13.47 9.08 -9.97
C PRO A 389 -12.00 8.92 -9.61
N TYR A 390 -11.19 8.67 -10.64
CA TYR A 390 -9.76 8.47 -10.44
C TYR A 390 -9.10 9.71 -9.88
N ILE A 391 -9.47 10.88 -10.38
CA ILE A 391 -8.93 12.16 -9.93
C ILE A 391 -10.03 12.89 -9.18
N GLN A 392 -9.74 13.27 -7.93
CA GLN A 392 -10.69 14.00 -7.11
C GLN A 392 -10.00 15.18 -6.44
N PRO A 393 -10.72 16.28 -6.22
CA PRO A 393 -10.10 17.44 -5.58
C PRO A 393 -9.73 17.13 -4.15
N PRO A 394 -8.69 17.78 -3.62
CA PRO A 394 -8.32 17.57 -2.22
C PRO A 394 -9.41 18.06 -1.28
N LEU A 395 -9.53 17.39 -0.14
CA LEU A 395 -10.51 17.76 0.86
C LEU A 395 -10.13 19.07 1.52
N SER A 396 -11.15 19.85 1.88
CA SER A 396 -10.97 21.12 2.59
C SER A 396 -11.59 21.00 3.97
N ALA A 397 -10.83 21.39 4.99
CA ALA A 397 -11.31 21.32 6.37
C ALA A 397 -10.55 22.35 7.20
N ASN A 398 -11.25 23.40 7.61
CA ASN A 398 -10.65 24.49 8.40
C ASN A 398 -9.49 25.14 7.64
N GLY A 399 -9.68 25.37 6.35
CA GLY A 399 -8.66 26.00 5.53
C GLY A 399 -7.46 25.12 5.27
N ILE A 400 -7.63 23.81 5.31
CA ILE A 400 -6.53 22.86 5.16
C ILE A 400 -6.86 21.92 4.00
N GLU A 401 -5.91 21.75 3.10
CA GLU A 401 -6.07 20.85 1.97
C GLU A 401 -5.52 19.47 2.32
N LEU A 402 -6.33 18.44 2.12
CA LEU A 402 -5.95 17.07 2.43
C LEU A 402 -6.14 16.20 1.20
N THR A 403 -5.12 15.42 0.87
CA THR A 403 -5.21 14.46 -0.24
C THR A 403 -5.60 13.11 0.36
N ALA A 404 -6.88 12.76 0.23
CA ALA A 404 -7.40 11.56 0.85
C ALA A 404 -7.01 10.32 0.07
N ALA A 405 -6.88 9.20 0.80
CA ALA A 405 -6.60 7.91 0.20
C ALA A 405 -7.10 6.85 1.17
N ILE A 406 -8.16 6.16 0.81
CA ILE A 406 -8.87 5.28 1.74
C ILE A 406 -8.19 3.91 1.75
N ALA A 407 -7.54 3.58 2.87
CA ALA A 407 -7.04 2.23 3.13
C ALA A 407 -6.11 1.71 2.04
N TYR A 408 -6.64 0.85 1.18
CA TYR A 408 -5.84 0.19 0.16
C TYR A 408 -5.23 1.16 -0.83
N GLU A 409 -5.82 2.33 -1.01
CA GLU A 409 -5.32 3.29 -1.99
C GLU A 409 -4.00 3.93 -1.58
N ILE A 410 -3.55 3.73 -0.35
CA ILE A 410 -2.33 4.37 0.13
C ILE A 410 -1.11 3.56 -0.30
N ILE A 411 -1.34 2.40 -0.89
CA ILE A 411 -0.25 1.59 -1.44
C ILE A 411 -0.05 1.83 -2.92
N LEU A 412 -0.94 2.58 -3.56
CA LEU A 412 -0.84 2.90 -4.99
C LEU A 412 -0.17 4.25 -5.10
N GLY A 413 1.15 4.24 -5.24
CA GLY A 413 1.90 5.50 -5.27
C GLY A 413 1.53 6.38 -6.44
N GLU A 414 1.26 5.76 -7.60
CA GLU A 414 0.93 6.55 -8.78
C GLU A 414 -0.41 7.26 -8.63
N GLN A 415 -1.40 6.58 -8.06
CA GLN A 415 -2.72 7.20 -7.90
C GLN A 415 -2.66 8.34 -6.89
N VAL A 416 -1.93 8.17 -5.79
CA VAL A 416 -1.83 9.22 -4.79
C VAL A 416 -1.14 10.44 -5.38
N ARG A 417 -0.09 10.22 -6.19
CA ARG A 417 0.61 11.34 -6.81
C ARG A 417 -0.30 12.09 -7.77
N ASP A 418 -1.13 11.37 -8.53
CA ASP A 418 -2.04 12.02 -9.46
C ASP A 418 -3.03 12.90 -8.73
N ASN A 419 -3.56 12.43 -7.60
CA ASN A 419 -4.48 13.24 -6.81
C ASN A 419 -3.76 14.33 -6.03
N PHE A 420 -2.44 14.21 -5.86
CA PHE A 420 -1.66 15.20 -5.13
C PHE A 420 -1.65 16.53 -5.87
N ARG A 421 -1.70 17.62 -5.12
CA ARG A 421 -1.67 18.97 -5.65
C ARG A 421 -0.62 19.78 -4.90
N PRO A 422 -0.11 20.85 -5.51
CA PRO A 422 0.82 21.73 -4.79
C PRO A 422 0.23 22.34 -3.53
N ASP A 423 -1.09 22.58 -3.51
CA ASP A 423 -1.74 23.19 -2.36
C ASP A 423 -1.98 22.21 -1.23
N THR A 424 -1.72 20.92 -1.44
CA THR A 424 -1.93 19.93 -0.40
C THR A 424 -1.06 20.23 0.82
N ASP A 425 -1.67 20.22 2.00
CA ASP A 425 -0.94 20.43 3.24
C ASP A 425 -0.52 19.11 3.87
N TYR A 426 -1.48 18.19 4.06
CA TYR A 426 -1.21 16.88 4.63
C TYR A 426 -1.78 15.80 3.72
N LEU A 427 -1.22 14.61 3.84
CA LEU A 427 -1.77 13.43 3.18
C LEU A 427 -2.69 12.71 4.17
N LEU A 428 -3.90 12.39 3.71
CA LEU A 428 -4.92 11.80 4.56
C LEU A 428 -5.13 10.35 4.19
N THR A 429 -5.25 9.49 5.21
CA THR A 429 -5.51 8.07 5.00
C THR A 429 -6.32 7.54 6.16
N ILE A 430 -7.45 6.91 5.86
CA ILE A 430 -8.26 6.22 6.85
C ILE A 430 -8.41 4.77 6.40
N SER A 431 -8.19 3.85 7.31
CA SER A 431 -8.18 2.43 7.00
C SER A 431 -8.94 1.67 8.07
N ASN A 432 -9.16 0.37 7.79
CA ASN A 432 -9.81 -0.54 8.73
C ASN A 432 -9.09 -1.88 8.61
N ASP A 433 -8.11 -2.09 9.47
CA ASP A 433 -7.31 -3.31 9.47
C ASP A 433 -7.75 -4.30 10.54
N ALA A 434 -8.95 -4.12 11.10
CA ALA A 434 -9.46 -5.04 12.11
C ALA A 434 -9.78 -6.41 11.54
N TRP A 435 -9.83 -6.56 10.22
CA TRP A 435 -10.08 -7.87 9.64
C TRP A 435 -8.96 -8.86 9.98
N PHE A 436 -7.71 -8.40 9.90
CA PHE A 436 -6.56 -9.28 10.02
C PHE A 436 -6.07 -9.45 11.45
N GLY A 437 -6.59 -8.67 12.40
CA GLY A 437 -6.25 -8.86 13.79
C GLY A 437 -4.77 -8.70 14.07
N LYS A 438 -4.24 -9.56 14.94
CA LYS A 438 -2.84 -9.54 15.32
C LYS A 438 -2.04 -10.32 14.28
N SER A 439 -1.65 -9.65 13.21
CA SER A 439 -0.89 -10.27 12.15
C SER A 439 0.11 -9.26 11.61
N ILE A 440 0.89 -9.68 10.60
CA ILE A 440 1.88 -8.81 9.99
C ILE A 440 1.29 -7.94 8.88
N GLY A 441 0.04 -8.18 8.49
CA GLY A 441 -0.59 -7.44 7.43
C GLY A 441 -0.78 -5.96 7.71
N PRO A 442 -1.34 -5.60 8.87
CA PRO A 442 -1.48 -4.17 9.18
C PRO A 442 -0.16 -3.41 9.16
N TRP A 443 0.92 -4.03 9.62
CA TRP A 443 2.22 -3.35 9.61
C TRP A 443 2.73 -3.15 8.19
N GLN A 444 2.59 -4.17 7.33
CA GLN A 444 3.01 -4.02 5.94
C GLN A 444 2.20 -2.95 5.23
N HIS A 445 0.89 -2.90 5.51
CA HIS A 445 0.07 -1.81 4.98
C HIS A 445 0.52 -0.47 5.54
N PHE A 446 0.87 -0.43 6.84
CA PHE A 446 1.36 0.81 7.45
C PHE A 446 2.69 1.25 6.85
N GLN A 447 3.56 0.29 6.55
CA GLN A 447 4.87 0.63 5.98
C GLN A 447 4.73 1.28 4.61
N MET A 448 3.81 0.75 3.79
CA MET A 448 3.60 1.34 2.46
C MET A 448 3.02 2.73 2.56
N ALA A 449 2.22 2.99 3.61
CA ALA A 449 1.68 4.33 3.81
C ALA A 449 2.80 5.33 4.11
N ARG A 450 3.83 4.90 4.83
CA ARG A 450 4.94 5.79 5.15
C ARG A 450 5.69 6.24 3.91
N MET A 451 5.73 5.37 2.89
CA MET A 451 6.45 5.72 1.66
C MET A 451 5.79 6.88 0.94
N ARG A 452 4.46 6.97 1.00
CA ARG A 452 3.76 8.07 0.34
C ARG A 452 4.16 9.41 0.93
N ALA A 453 4.30 9.47 2.26
CA ALA A 453 4.76 10.70 2.90
C ALA A 453 6.17 11.05 2.45
N LEU A 454 7.05 10.05 2.37
CA LEU A 454 8.42 10.30 1.93
C LEU A 454 8.47 10.74 0.47
N GLU A 455 7.68 10.10 -0.39
CA GLU A 455 7.70 10.44 -1.82
C GLU A 455 7.18 11.84 -2.07
N LEU A 456 6.07 12.21 -1.45
CA LEU A 456 5.42 13.49 -1.71
C LEU A 456 5.85 14.59 -0.74
N ALA A 457 6.69 14.28 0.24
CA ALA A 457 7.19 15.25 1.21
C ALA A 457 6.06 15.95 1.96
N ARG A 458 4.99 15.22 2.26
CA ARG A 458 3.88 15.77 3.02
C ARG A 458 3.60 14.90 4.23
N PRO A 459 3.23 15.50 5.37
CA PRO A 459 2.86 14.69 6.53
C PRO A 459 1.64 13.83 6.22
N LEU A 460 1.64 12.63 6.77
CA LEU A 460 0.55 11.67 6.55
C LEU A 460 -0.24 11.54 7.83
N LEU A 461 -1.55 11.75 7.74
CA LEU A 461 -2.46 11.61 8.88
C LEU A 461 -3.22 10.31 8.68
N ARG A 462 -2.71 9.24 9.28
CA ARG A 462 -3.27 7.91 9.14
C ARG A 462 -4.11 7.57 10.36
N SER A 463 -5.38 7.25 10.14
CA SER A 463 -6.29 6.84 11.20
C SER A 463 -6.89 5.49 10.85
N THR A 464 -6.98 4.61 11.85
CA THR A 464 -7.45 3.25 11.63
C THR A 464 -8.41 2.87 12.75
N ASN A 465 -9.30 1.92 12.45
CA ASN A 465 -10.25 1.45 13.45
C ASN A 465 -9.54 0.88 14.67
N ASN A 466 -8.60 -0.03 14.44
CA ASN A 466 -7.74 -0.52 15.51
C ASN A 466 -6.30 -0.72 15.06
N GLY A 467 -5.97 -0.39 13.82
CA GLY A 467 -4.62 -0.60 13.30
C GLY A 467 -3.65 0.45 13.79
N ILE A 468 -2.61 0.69 12.99
CA ILE A 468 -1.57 1.64 13.37
C ILE A 468 -2.03 3.04 13.05
N THR A 469 -2.67 3.69 14.01
CA THR A 469 -3.03 5.11 13.89
C THR A 469 -1.81 5.92 14.24
N ALA A 470 -1.23 6.59 13.25
CA ALA A 470 0.03 7.29 13.45
C ALA A 470 0.09 8.51 12.54
N VAL A 471 0.96 9.45 12.92
CA VAL A 471 1.26 10.62 12.12
C VAL A 471 2.66 10.43 11.56
N ILE A 472 2.75 10.37 10.23
CA ILE A 472 4.02 10.14 9.54
C ILE A 472 4.56 11.49 9.08
N GLY A 473 5.84 11.74 9.34
CA GLY A 473 6.45 12.98 8.98
C GLY A 473 6.68 13.11 7.48
N PRO A 474 7.12 14.29 7.04
CA PRO A 474 7.35 14.48 5.60
C PRO A 474 8.44 13.61 5.03
N GLN A 475 9.34 13.07 5.85
CA GLN A 475 10.41 12.19 5.40
C GLN A 475 10.14 10.73 5.73
N GLY A 476 8.87 10.34 5.81
CA GLY A 476 8.54 8.96 6.16
C GLY A 476 8.97 8.58 7.55
N GLU A 477 8.84 9.50 8.50
CA GLU A 477 9.25 9.30 9.88
C GLU A 477 8.03 9.31 10.79
N ILE A 478 7.98 8.36 11.71
CA ILE A 478 6.88 8.26 12.65
C ILE A 478 7.06 9.33 13.73
N GLN A 479 6.15 10.29 13.77
CA GLN A 479 6.21 11.35 14.77
C GLN A 479 5.39 11.01 16.01
N ALA A 480 4.16 10.54 15.81
CA ALA A 480 3.30 10.12 16.91
C ALA A 480 2.61 8.83 16.52
N MET A 481 2.49 7.92 17.48
CA MET A 481 1.86 6.63 17.23
C MET A 481 1.23 6.13 18.53
N ILE A 482 0.19 5.32 18.40
CA ILE A 482 -0.49 4.75 19.55
C ILE A 482 -0.54 3.23 19.38
N PRO A 483 -0.55 2.46 20.47
CA PRO A 483 -0.58 1.01 20.33
C PRO A 483 -1.88 0.53 19.69
N GLN A 484 -1.78 -0.60 19.01
CA GLN A 484 -2.93 -1.19 18.34
C GLN A 484 -3.92 -1.75 19.36
N PHE A 485 -5.11 -2.10 18.87
CA PHE A 485 -6.10 -2.85 19.63
C PHE A 485 -6.55 -2.10 20.88
N THR A 486 -6.46 -0.77 20.85
CA THR A 486 -6.87 0.06 21.98
C THR A 486 -7.82 1.14 21.49
N ARG A 487 -8.66 1.60 22.41
CA ARG A 487 -9.63 2.66 22.13
C ARG A 487 -9.10 3.95 22.74
N GLU A 488 -8.41 4.76 21.93
CA GLU A 488 -7.81 6.00 22.41
C GLU A 488 -7.61 6.93 21.24
N VAL A 489 -7.36 8.20 21.55
CA VAL A 489 -7.16 9.24 20.55
C VAL A 489 -5.68 9.57 20.47
N LEU A 490 -5.24 10.01 19.30
CA LEU A 490 -3.86 10.41 19.06
C LEU A 490 -3.85 11.92 18.80
N THR A 491 -3.68 12.68 19.86
CA THR A 491 -3.65 14.14 19.80
C THR A 491 -2.21 14.61 19.76
N THR A 492 -1.84 15.30 18.68
CA THR A 492 -0.48 15.78 18.51
C THR A 492 -0.47 16.95 17.55
N ASN A 493 0.61 17.72 17.59
CA ASN A 493 0.78 18.87 16.72
C ASN A 493 1.56 18.44 15.47
N VAL A 494 1.07 18.84 14.30
CA VAL A 494 1.71 18.53 13.03
C VAL A 494 1.88 19.83 12.24
N THR A 495 3.07 19.99 11.66
CA THR A 495 3.40 21.18 10.88
C THR A 495 3.31 20.87 9.40
N PRO A 496 2.49 21.59 8.63
CA PRO A 496 2.38 21.30 7.20
C PRO A 496 3.66 21.67 6.46
N THR A 497 3.87 21.01 5.33
CA THR A 497 5.03 21.25 4.49
C THR A 497 4.58 21.69 3.10
N THR A 498 5.39 22.54 2.48
CA THR A 498 5.16 23.00 1.12
C THR A 498 6.42 22.78 0.29
N GLY A 499 6.22 22.56 -1.00
CA GLY A 499 7.31 22.25 -1.91
C GLY A 499 7.02 20.96 -2.64
N LEU A 500 7.54 20.86 -3.86
CA LEU A 500 7.28 19.73 -4.74
C LEU A 500 8.54 18.89 -4.89
N THR A 501 8.41 17.60 -4.65
CA THR A 501 9.50 16.66 -4.91
C THR A 501 9.62 16.41 -6.41
N PRO A 502 10.79 15.95 -6.86
CA PRO A 502 10.90 15.54 -8.26
C PRO A 502 9.94 14.42 -8.63
N TYR A 503 9.62 13.52 -7.70
CA TYR A 503 8.64 12.48 -7.97
C TYR A 503 7.26 13.09 -8.19
N ALA A 504 6.88 14.06 -7.36
CA ALA A 504 5.57 14.68 -7.51
C ALA A 504 5.48 15.48 -8.80
N ARG A 505 6.59 16.07 -9.25
CA ARG A 505 6.57 16.84 -10.48
C ARG A 505 6.46 15.93 -11.70
N THR A 506 7.24 14.85 -11.75
CA THR A 506 7.32 13.99 -12.92
C THR A 506 6.46 12.73 -12.78
N GLY A 507 6.70 11.94 -11.75
CA GLY A 507 5.96 10.70 -11.58
C GLY A 507 6.80 9.48 -11.85
N ASN A 508 6.17 8.42 -12.38
CA ASN A 508 6.87 7.19 -12.72
C ASN A 508 7.43 7.19 -14.13
N TRP A 509 7.11 8.21 -14.94
CA TRP A 509 7.54 8.20 -16.33
C TRP A 509 9.06 8.36 -16.49
N PRO A 510 9.77 9.13 -15.64
CA PRO A 510 11.24 9.10 -15.76
C PRO A 510 11.81 7.73 -15.48
N LEU A 511 11.16 6.94 -14.63
CA LEU A 511 11.62 5.57 -14.40
C LEU A 511 11.30 4.66 -15.58
N TRP A 512 10.12 4.82 -16.17
CA TRP A 512 9.75 4.00 -17.31
C TRP A 512 10.64 4.27 -18.51
N VAL A 513 11.12 5.50 -18.67
CA VAL A 513 12.10 5.79 -19.72
C VAL A 513 13.40 5.05 -19.44
N LEU A 514 13.83 5.02 -18.18
CA LEU A 514 15.00 4.23 -17.81
C LEU A 514 14.76 2.74 -18.04
N THR A 515 13.56 2.27 -17.70
CA THR A 515 13.19 0.88 -18.00
C THR A 515 13.17 0.64 -19.50
N ALA A 516 12.63 1.59 -20.26
CA ALA A 516 12.60 1.45 -21.71
C ALA A 516 14.01 1.46 -22.29
N LEU A 517 14.89 2.32 -21.78
CA LEU A 517 16.26 2.35 -22.26
C LEU A 517 16.99 1.07 -21.91
N PHE A 518 16.87 0.62 -20.65
CA PHE A 518 17.49 -0.64 -20.26
C PHE A 518 16.86 -1.82 -20.99
N GLY A 519 15.53 -1.82 -21.10
CA GLY A 519 14.87 -2.94 -21.76
C GLY A 519 15.18 -3.01 -23.24
N PHE A 520 15.15 -1.87 -23.93
CA PHE A 520 15.43 -1.87 -25.37
C PHE A 520 16.88 -2.24 -25.65
N ALA A 521 17.82 -1.77 -24.82
CA ALA A 521 19.21 -2.12 -25.01
C ALA A 521 19.47 -3.59 -24.70
N ALA A 522 18.84 -4.10 -23.62
CA ALA A 522 19.03 -5.51 -23.26
C ALA A 522 18.51 -6.42 -24.35
N VAL A 523 17.35 -6.10 -24.91
CA VAL A 523 16.80 -6.91 -26.01
C VAL A 523 17.68 -6.81 -27.25
N LEU A 524 18.14 -5.60 -27.57
CA LEU A 524 18.97 -5.41 -28.75
C LEU A 524 20.31 -6.11 -28.61
N MET A 525 20.83 -6.23 -27.39
CA MET A 525 22.02 -7.04 -27.17
C MET A 525 21.69 -8.53 -27.28
N SER A 526 20.48 -8.92 -26.89
CA SER A 526 20.08 -10.31 -26.97
C SER A 526 19.77 -10.74 -28.39
N LEU A 527 19.50 -9.78 -29.28
CA LEU A 527 19.20 -10.10 -30.67
C LEU A 527 20.43 -10.52 -31.46
N ARG A 528 21.62 -10.38 -30.90
CA ARG A 528 22.84 -10.77 -31.58
C ARG A 528 23.36 -12.11 -31.07
N SER B 1 -13.09 -2.72 4.11
CA SER B 1 -14.22 -1.82 4.25
C SER B 1 -15.45 -2.59 4.71
N LYS B 2 -15.86 -3.60 3.94
CA LYS B 2 -17.06 -4.35 4.28
C LYS B 2 -18.32 -3.51 4.02
N LYS B 3 -19.16 -3.93 3.09
CA LYS B 3 -20.48 -3.33 3.00
C LYS B 3 -21.46 -4.01 3.96
N LYS B 4 -22.63 -4.42 3.45
CA LYS B 4 -23.68 -4.99 4.28
C LYS B 4 -24.19 -3.98 5.32
N LYS B 5 -25.25 -4.36 6.06
CA LYS B 5 -25.66 -3.69 7.28
C LYS B 5 -26.82 -4.45 7.95
N01 IG7 C . -9.61 -2.97 2.84
C02 IG7 C . -8.78 -2.31 3.63
C03 IG7 C . -7.32 -2.38 3.23
C04 IG7 C . -6.83 -3.78 3.13
C05 IG7 C . -5.42 -3.92 2.60
C06 IG7 C . -4.97 -5.35 2.47
C07 IG7 C . -5.82 -6.18 1.54
C08 IG7 C . -5.62 -7.67 1.68
C09 IG7 C . -6.35 -8.50 0.66
C10 IG7 C . -5.84 -8.31 -0.75
C11 IG7 C . -6.48 -9.24 -1.76
C12 IG7 C . -5.85 -9.15 -3.13
C13 IG7 C . -6.45 -10.08 -4.15
C14 IG7 C . -5.79 -10.02 -5.50
C15 IG7 C . -6.43 -10.89 -6.55
C16 IG7 C . -5.75 -10.82 -7.89
C17 IG7 C . -5.66 -9.42 -8.45
O18 IG7 C . -9.16 -1.70 4.63
C19 IG7 C . -12.69 -8.49 3.86
O20 IG7 C . -12.85 -9.85 4.31
C21 IG7 C . -14.05 -10.38 4.14
C22 IG7 C . -14.03 -11.87 4.35
C23 IG7 C . -14.21 -12.64 3.09
C24 IG7 C . -13.17 -12.27 2.05
C25 IG7 C . -13.56 -12.58 0.63
C26 IG7 C . -13.43 -14.03 0.22
C27 IG7 C . -13.95 -14.30 -1.17
C28 IG7 C . -13.40 -15.54 -1.83
C29 IG7 C . -13.96 -15.78 -3.20
C30 IG7 C . -13.20 -16.78 -4.02
C31 IG7 C . -11.76 -16.43 -4.26
C32 IG7 C . -11.08 -17.24 -5.33
C33 IG7 C . -11.65 -17.05 -6.70
C34 IG7 C . -10.94 -17.83 -7.79
C35 IG7 C . -11.02 -19.32 -7.63
O36 IG7 C . -15.02 -9.74 3.81
C37 IG7 C . -12.43 -19.86 -7.67
C38 IG7 C . -10.92 -3.44 3.26
C39 IG7 C . -11.54 -4.36 2.22
S40 IG7 C . -12.33 -5.82 2.95
C41 IG7 C . -10.89 -6.72 3.58
C42 IG7 C . -11.24 -8.09 4.09
O43 IG7 C . -10.36 -9.13 3.54
C44 IG7 C . -10.37 -9.37 2.22
C45 IG7 C . -9.72 -10.69 1.91
C46 IG7 C . -9.54 -10.94 0.45
C47 IG7 C . -9.21 -12.38 0.14
C48 IG7 C . -8.84 -12.64 -1.30
C49 IG7 C . -8.74 -14.10 -1.67
C50 IG7 C . -8.08 -14.37 -2.99
C51 IG7 C . -8.08 -15.83 -3.39
C52 IG7 C . -7.06 -16.18 -4.44
C53 IG7 C . -7.22 -15.46 -5.75
C54 IG7 C . -6.05 -15.67 -6.69
C55 IG7 C . -6.21 -15.02 -8.04
C56 IG7 C . -7.27 -15.66 -8.91
C57 IG7 C . -7.30 -15.14 -10.33
C58 IG7 C . -8.29 -15.83 -11.23
C59 IG7 C . -8.26 -15.34 -12.66
C60 IG7 C . -11.92 -2.34 3.58
O62 IG7 C . -11.62 -1.17 3.34
O63 IG7 C . -10.86 -8.67 1.38
#